data_4GC2
#
_entry.id   4GC2
#
_cell.length_a   149.242
_cell.length_b   153.031
_cell.length_c   33.946
_cell.angle_alpha   90.00
_cell.angle_beta   90.00
_cell.angle_gamma   90.00
#
_symmetry.space_group_name_H-M   'P 21 21 2'
#
loop_
_entity.id
_entity.type
_entity.pdbx_description
1 polymer 'Putidacin L1'
2 branched 2-acetamido-2-deoxy-beta-D-glucopyranose-(1-2)-alpha-D-mannopyranose-(1-3)-[2-acetamido-2-deoxy-beta-D-glucopyranose-(1-2)-alpha-D-mannopyranose-(1-6)]alpha-D-mannopyranose
3 water water
#
_entity_poly.entity_id   1
_entity_poly.type   'polypeptide(L)'
_entity_poly.pdbx_seq_one_letter_code
;MAGRTRIPFNGVGTSVLPAYQTLSAGQYLLSPNQRFKLLLQGDGNLVIQDNGATVWVANEQQPFSSTIPLRNKKAPLAFY
VQYGAFLDDYSRRRVWLTDNSTFTSNDQWNRTHLVLQDDGNIVLVDSLALWNGTPAIPLVPGAIDSLLLAPGSELVQGVV
YGAGASKLVFQGDGNLVAYGPNGAATWNAGTQGKGAVRAVFQGDGNLVVYGAGNAVLWHSHTGGHASAVLRLQANGSIAI
LDEKPVWARFGFQPTYRHIRKINPDQKPIDIWTWHF
;
_entity_poly.pdbx_strand_id   A,B
#
loop_
_chem_comp.id
_chem_comp.type
_chem_comp.name
_chem_comp.formula
MAN D-saccharide, alpha linking alpha-D-mannopyranose 'C6 H12 O6'
NAG D-saccharide, beta linking 2-acetamido-2-deoxy-beta-D-glucopyranose 'C8 H15 N O6'
#
# COMPACT_ATOMS: atom_id res chain seq x y z
N ALA A 2 2.62 13.69 22.33
CA ALA A 2 3.11 14.87 21.62
C ALA A 2 2.85 14.75 20.13
N GLY A 3 1.99 15.61 19.62
CA GLY A 3 1.53 15.52 18.26
C GLY A 3 0.44 16.56 18.05
N ARG A 4 0.29 16.99 16.81
CA ARG A 4 -0.55 18.13 16.48
C ARG A 4 -2.00 18.02 16.90
N THR A 5 -2.56 19.16 17.26
CA THR A 5 -3.97 19.31 17.53
C THR A 5 -4.55 20.09 16.38
N ARG A 6 -5.83 19.94 16.14
CA ARG A 6 -6.45 20.60 15.01
C ARG A 6 -6.91 21.99 15.36
N ILE A 7 -7.05 22.84 14.35
CA ILE A 7 -7.61 24.17 14.52
C ILE A 7 -8.78 24.32 13.55
N PRO A 8 -9.68 25.28 13.79
CA PRO A 8 -10.82 25.41 12.89
C PRO A 8 -10.40 25.91 11.50
N PHE A 9 -10.97 25.30 10.47
CA PHE A 9 -10.80 25.72 9.10
C PHE A 9 -11.36 27.12 8.92
N ASN A 10 -10.64 27.98 8.21
CA ASN A 10 -11.11 29.32 7.91
C ASN A 10 -10.95 29.68 6.44
N GLY A 11 -11.00 28.67 5.57
CA GLY A 11 -10.74 28.89 4.17
C GLY A 11 -11.92 28.61 3.29
N VAL A 12 -13.11 28.97 3.77
CA VAL A 12 -14.35 28.68 3.06
C VAL A 12 -14.31 29.25 1.65
N GLY A 13 -14.65 28.45 0.65
CA GLY A 13 -14.70 28.95 -0.70
C GLY A 13 -13.41 28.77 -1.48
N THR A 14 -12.32 28.40 -0.80
CA THR A 14 -11.07 28.06 -1.49
C THR A 14 -11.10 26.59 -1.90
N SER A 15 -10.04 26.12 -2.56
CA SER A 15 -10.05 24.78 -3.13
C SER A 15 -9.28 23.78 -2.29
N VAL A 16 -8.75 24.21 -1.16
CA VAL A 16 -7.90 23.31 -0.38
C VAL A 16 -8.21 23.28 1.12
N LEU A 17 -8.30 22.08 1.66
CA LEU A 17 -8.45 21.91 3.11
C LEU A 17 -7.10 21.43 3.62
N PRO A 18 -6.39 22.31 4.34
CA PRO A 18 -5.06 21.92 4.82
C PRO A 18 -5.13 20.88 5.93
N ALA A 19 -4.00 20.23 6.19
CA ALA A 19 -3.87 19.24 7.25
C ALA A 19 -4.27 19.78 8.62
N TYR A 20 -4.87 18.93 9.45
CA TYR A 20 -5.18 19.27 10.84
C TYR A 20 -6.05 20.51 10.97
N GLN A 21 -6.93 20.72 10.00
CA GLN A 21 -7.91 21.80 10.12
C GLN A 21 -9.31 21.26 10.06
N THR A 22 -10.13 21.66 11.02
CA THR A 22 -11.46 21.10 11.17
C THR A 22 -12.49 21.84 10.34
N LEU A 23 -13.05 21.14 9.37
CA LEU A 23 -14.15 21.67 8.58
C LEU A 23 -15.44 21.26 9.28
N SER A 24 -16.31 22.21 9.55
CA SER A 24 -17.54 21.92 10.26
C SER A 24 -18.75 22.21 9.37
N ALA A 25 -19.94 21.91 9.89
CA ALA A 25 -21.16 22.00 9.10
C ALA A 25 -21.36 23.41 8.54
N GLY A 26 -21.76 23.47 7.27
CA GLY A 26 -22.00 24.76 6.62
C GLY A 26 -20.79 25.26 5.86
N GLN A 27 -19.60 24.81 6.26
CA GLN A 27 -18.38 25.14 5.53
C GLN A 27 -18.20 24.31 4.27
N TYR A 28 -17.51 24.89 3.27
CA TYR A 28 -17.36 24.25 1.97
C TYR A 28 -16.09 24.69 1.26
N LEU A 29 -15.62 23.81 0.39
CA LEU A 29 -14.60 24.14 -0.60
C LEU A 29 -15.26 24.41 -1.95
N LEU A 30 -14.63 25.20 -2.81
CA LEU A 30 -15.05 25.31 -4.22
C LEU A 30 -13.85 25.01 -5.09
N SER A 31 -14.08 24.37 -6.23
CA SER A 31 -13.02 24.19 -7.20
C SER A 31 -12.57 25.58 -7.69
N PRO A 32 -11.34 25.69 -8.20
CA PRO A 32 -10.94 27.04 -8.65
C PRO A 32 -11.88 27.61 -9.69
N ASN A 33 -12.40 26.78 -10.59
CA ASN A 33 -13.34 27.29 -11.58
C ASN A 33 -14.74 27.53 -11.01
N GLN A 34 -14.95 27.20 -9.74
CA GLN A 34 -16.23 27.43 -9.04
C GLN A 34 -17.39 26.52 -9.46
N ARG A 35 -17.12 25.55 -10.32
CA ARG A 35 -18.17 24.65 -10.76
C ARG A 35 -18.58 23.67 -9.65
N PHE A 36 -17.59 23.15 -8.93
CA PHE A 36 -17.83 22.14 -7.91
C PHE A 36 -17.69 22.65 -6.50
N LYS A 37 -18.50 22.10 -5.61
CA LYS A 37 -18.49 22.48 -4.20
C LYS A 37 -18.48 21.24 -3.32
N LEU A 38 -17.56 21.17 -2.38
CA LEU A 38 -17.55 20.10 -1.39
C LEU A 38 -18.12 20.68 -0.13
N LEU A 39 -19.28 20.18 0.29
CA LEU A 39 -20.02 20.77 1.39
C LEU A 39 -20.27 19.75 2.48
N LEU A 40 -19.98 20.10 3.73
CA LEU A 40 -20.44 19.30 4.86
C LEU A 40 -21.82 19.82 5.30
N GLN A 41 -22.86 19.04 5.05
CA GLN A 41 -24.22 19.41 5.38
C GLN A 41 -24.53 19.20 6.86
N GLY A 42 -25.53 19.95 7.33
CA GLY A 42 -25.96 19.88 8.71
C GLY A 42 -26.52 18.52 9.09
N ASP A 43 -26.99 17.76 8.10
CA ASP A 43 -27.51 16.43 8.35
C ASP A 43 -26.40 15.40 8.48
N GLY A 44 -25.16 15.86 8.37
CA GLY A 44 -24.01 14.98 8.57
C GLY A 44 -23.54 14.29 7.31
N ASN A 45 -24.10 14.68 6.18
CA ASN A 45 -23.62 14.15 4.90
C ASN A 45 -22.52 15.05 4.33
N LEU A 46 -21.43 14.43 3.90
CA LEU A 46 -20.39 15.14 3.15
C LEU A 46 -20.66 15.00 1.66
N VAL A 47 -20.83 16.13 0.99
CA VAL A 47 -21.42 16.14 -0.32
C VAL A 47 -20.62 16.97 -1.34
N ILE A 48 -20.55 16.48 -2.56
CA ILE A 48 -20.02 17.28 -3.67
C ILE A 48 -21.19 17.68 -4.56
N GLN A 49 -21.27 18.97 -4.89
CA GLN A 49 -22.29 19.46 -5.81
C GLN A 49 -21.69 20.00 -7.10
N ASP A 50 -22.36 19.67 -8.20
CA ASP A 50 -21.95 20.08 -9.54
C ASP A 50 -22.93 21.14 -10.01
N ASN A 51 -22.47 22.38 -10.10
CA ASN A 51 -23.34 23.50 -10.44
C ASN A 51 -24.62 23.48 -9.62
N GLY A 52 -24.50 23.14 -8.34
CA GLY A 52 -25.62 23.24 -7.43
C GLY A 52 -26.38 21.96 -7.20
N ALA A 53 -26.03 20.90 -7.92
CA ALA A 53 -26.70 19.61 -7.76
C ALA A 53 -25.78 18.53 -7.20
N THR A 54 -26.26 17.82 -6.17
CA THR A 54 -25.48 16.79 -5.51
C THR A 54 -25.17 15.65 -6.46
N VAL A 55 -23.89 15.36 -6.68
CA VAL A 55 -23.51 14.26 -7.56
C VAL A 55 -22.66 13.23 -6.85
N TRP A 56 -22.42 13.44 -5.56
CA TRP A 56 -21.61 12.51 -4.76
C TRP A 56 -21.82 12.67 -3.26
N VAL A 57 -21.85 11.54 -2.57
CA VAL A 57 -22.06 11.51 -1.12
C VAL A 57 -21.03 10.57 -0.52
N ALA A 58 -20.36 11.02 0.55
CA ALA A 58 -19.41 10.16 1.26
C ALA A 58 -20.15 9.03 1.98
N ASN A 59 -20.00 7.81 1.47
CA ASN A 59 -20.56 6.63 2.15
C ASN A 59 -19.82 5.33 1.91
N GLU A 60 -20.39 4.25 2.41
CA GLU A 60 -19.75 2.93 2.40
CA GLU A 60 -19.76 2.93 2.41
C GLU A 60 -19.52 2.42 0.99
N GLN A 61 -20.30 2.92 0.05
CA GLN A 61 -20.18 2.50 -1.34
C GLN A 61 -19.02 3.17 -2.09
N GLN A 62 -18.24 3.99 -1.40
CA GLN A 62 -17.10 4.66 -2.05
C GLN A 62 -15.86 3.79 -2.02
N PRO A 63 -15.34 3.44 -3.20
CA PRO A 63 -14.16 2.61 -3.31
C PRO A 63 -12.99 3.16 -2.49
N PHE A 64 -12.26 2.26 -1.84
CA PHE A 64 -11.09 2.63 -1.06
C PHE A 64 -11.47 3.61 0.06
N SER A 65 -12.58 3.36 0.73
CA SER A 65 -12.91 4.08 1.96
C SER A 65 -13.42 3.07 2.97
N SER A 66 -13.28 3.38 4.25
CA SER A 66 -13.78 2.48 5.29
C SER A 66 -14.77 3.25 6.16
N THR A 67 -15.74 2.53 6.70
CA THR A 67 -16.61 3.10 7.69
C THR A 67 -16.52 2.25 8.96
N ILE A 68 -16.14 2.89 10.06
CA ILE A 68 -16.04 2.20 11.36
C ILE A 68 -16.93 2.89 12.38
N PRO A 69 -17.27 2.21 13.49
CA PRO A 69 -18.18 2.79 14.49
C PRO A 69 -17.62 4.02 15.20
N LEU A 70 -18.53 4.91 15.58
CA LEU A 70 -18.19 6.03 16.45
C LEU A 70 -19.14 5.97 17.65
N ARG A 71 -18.60 5.62 18.82
CA ARG A 71 -19.40 5.51 20.03
C ARG A 71 -19.29 6.78 20.87
N ASN A 72 -18.24 7.56 20.64
CA ASN A 72 -18.02 8.80 21.40
C ASN A 72 -19.12 9.83 21.20
N LYS A 73 -19.86 10.09 22.26
CA LYS A 73 -21.05 10.93 22.23
C LYS A 73 -20.74 12.41 22.06
N LYS A 74 -19.54 12.81 22.47
CA LYS A 74 -19.17 14.21 22.47
C LYS A 74 -18.53 14.69 21.17
N ALA A 75 -18.31 13.78 20.23
CA ALA A 75 -17.63 14.12 18.98
C ALA A 75 -18.51 14.95 18.05
N PRO A 76 -18.14 16.21 17.86
CA PRO A 76 -18.95 17.06 16.99
C PRO A 76 -18.83 16.62 15.54
N LEU A 77 -19.83 16.95 14.73
CA LEU A 77 -19.77 16.78 13.29
C LEU A 77 -18.55 17.51 12.73
N ALA A 78 -17.66 16.77 12.08
CA ALA A 78 -16.42 17.36 11.59
C ALA A 78 -15.77 16.55 10.46
N PHE A 79 -15.08 17.26 9.59
CA PHE A 79 -14.34 16.62 8.51
C PHE A 79 -12.94 17.19 8.54
N TYR A 80 -11.94 16.31 8.50
CA TYR A 80 -10.56 16.76 8.60
C TYR A 80 -9.57 15.77 8.00
N VAL A 81 -8.36 16.25 7.76
CA VAL A 81 -7.31 15.50 7.10
C VAL A 81 -6.12 15.33 8.02
N GLN A 82 -5.71 14.08 8.22
CA GLN A 82 -4.55 13.76 9.04
C GLN A 82 -3.93 12.57 8.33
N TYR A 83 -3.20 12.89 7.27
CA TYR A 83 -2.83 11.95 6.21
C TYR A 83 -4.08 11.42 5.48
N GLY A 84 -4.84 10.55 6.16
CA GLY A 84 -6.13 10.12 5.64
C GLY A 84 -7.14 11.22 5.90
N ALA A 85 -8.30 11.18 5.25
CA ALA A 85 -9.38 12.10 5.58
C ALA A 85 -10.38 11.38 6.47
N PHE A 86 -10.99 12.11 7.40
CA PHE A 86 -11.92 11.52 8.37
C PHE A 86 -13.18 12.36 8.47
N LEU A 87 -14.33 11.69 8.42
CA LEU A 87 -15.61 12.35 8.67
C LEU A 87 -16.23 11.75 9.94
N ASP A 88 -16.28 12.54 11.02
CA ASP A 88 -16.89 12.10 12.28
C ASP A 88 -18.38 12.46 12.28
N ASP A 89 -19.23 11.44 12.20
CA ASP A 89 -20.67 11.69 12.09
C ASP A 89 -21.42 10.86 13.10
N TYR A 90 -21.60 11.39 14.31
CA TYR A 90 -22.26 10.62 15.36
C TYR A 90 -23.67 10.26 14.95
N SER A 91 -24.36 11.19 14.28
CA SER A 91 -25.75 11.00 13.89
C SER A 91 -25.98 9.62 13.30
N ARG A 92 -24.94 9.07 12.69
CA ARG A 92 -25.00 7.73 12.15
C ARG A 92 -23.98 6.81 12.81
N ARG A 93 -23.47 7.22 13.98
CA ARG A 93 -22.55 6.41 14.77
C ARG A 93 -21.34 5.94 13.97
N ARG A 94 -20.86 6.79 13.07
CA ARG A 94 -19.85 6.37 12.11
C ARG A 94 -18.65 7.31 11.99
N VAL A 95 -17.51 6.74 11.66
CA VAL A 95 -16.40 7.50 11.12
C VAL A 95 -16.20 6.98 9.71
N TRP A 96 -16.31 7.88 8.74
CA TRP A 96 -16.00 7.55 7.35
C TRP A 96 -14.58 8.03 7.09
N LEU A 97 -13.75 7.18 6.50
CA LEU A 97 -12.35 7.56 6.26
C LEU A 97 -11.80 6.98 4.97
N THR A 98 -10.75 7.59 4.45
CA THR A 98 -10.16 7.17 3.19
C THR A 98 -9.06 6.14 3.42
N ASP A 99 -8.97 5.14 2.55
CA ASP A 99 -7.86 4.21 2.61
C ASP A 99 -6.81 4.73 1.65
N ASN A 100 -5.86 5.52 2.16
CA ASN A 100 -4.80 6.10 1.34
C ASN A 100 -3.81 5.06 0.82
N SER A 101 -3.01 5.45 -0.16
CA SER A 101 -1.88 4.64 -0.55
C SER A 101 -0.92 4.53 0.64
N THR A 102 -0.06 3.51 0.61
CA THR A 102 0.86 3.24 1.69
C THR A 102 1.70 4.46 2.01
N PHE A 103 1.77 4.83 3.29
CA PHE A 103 2.56 5.99 3.70
C PHE A 103 4.05 5.65 3.66
N THR A 104 4.88 6.66 3.42
CA THR A 104 6.31 6.45 3.28
C THR A 104 7.08 7.16 4.39
N SER A 105 6.41 8.12 5.04
CA SER A 105 7.07 8.92 6.05
C SER A 105 6.05 9.61 6.95
N ASN A 106 6.42 9.76 8.21
CA ASN A 106 5.53 10.44 9.14
CA ASN A 106 5.61 10.47 9.19
C ASN A 106 5.36 11.93 8.79
N ASP A 107 6.36 12.52 8.15
CA ASP A 107 6.27 13.91 7.65
C ASP A 107 5.05 14.14 6.78
N GLN A 108 4.58 13.10 6.11
CA GLN A 108 3.42 13.23 5.23
C GLN A 108 2.19 13.73 5.98
N TRP A 109 2.12 13.44 7.28
CA TRP A 109 0.96 13.89 8.07
C TRP A 109 0.84 15.40 8.07
N ASN A 110 1.99 16.08 8.04
CA ASN A 110 2.02 17.54 8.05
C ASN A 110 1.79 18.14 6.65
N ARG A 111 2.11 17.39 5.61
CA ARG A 111 2.16 17.95 4.25
C ARG A 111 0.94 17.59 3.40
N THR A 112 0.11 16.68 3.86
CA THR A 112 -0.99 16.17 3.03
C THR A 112 -2.26 16.96 3.25
N HIS A 113 -2.81 17.48 2.16
CA HIS A 113 -4.03 18.28 2.23
C HIS A 113 -5.03 17.79 1.19
N LEU A 114 -6.27 18.24 1.30
CA LEU A 114 -7.30 17.80 0.39
C LEU A 114 -7.54 18.90 -0.65
N VAL A 115 -7.56 18.50 -1.92
CA VAL A 115 -7.79 19.43 -3.03
C VAL A 115 -9.09 19.08 -3.73
N LEU A 116 -9.94 20.08 -3.91
CA LEU A 116 -11.10 19.93 -4.78
C LEU A 116 -10.73 20.47 -6.17
N GLN A 117 -10.52 19.55 -7.12
CA GLN A 117 -10.04 19.91 -8.45
C GLN A 117 -11.14 20.40 -9.36
N ASP A 118 -10.72 21.07 -10.44
CA ASP A 118 -11.66 21.59 -11.43
C ASP A 118 -12.42 20.51 -12.17
N ASP A 119 -11.99 19.26 -12.06
CA ASP A 119 -12.71 18.16 -12.72
C ASP A 119 -13.67 17.47 -11.77
N GLY A 120 -13.85 18.01 -10.57
CA GLY A 120 -14.79 17.43 -9.62
C GLY A 120 -14.22 16.36 -8.69
N ASN A 121 -12.97 15.98 -8.90
CA ASN A 121 -12.34 14.98 -8.05
C ASN A 121 -11.88 15.63 -6.77
N ILE A 122 -11.96 14.90 -5.66
CA ILE A 122 -11.26 15.34 -4.47
C ILE A 122 -10.03 14.47 -4.31
N VAL A 123 -8.90 15.12 -4.09
CA VAL A 123 -7.65 14.41 -4.12
C VAL A 123 -6.86 14.78 -2.89
N LEU A 124 -6.35 13.78 -2.20
CA LEU A 124 -5.41 14.02 -1.10
C LEU A 124 -4.01 14.07 -1.69
N VAL A 125 -3.30 15.15 -1.43
CA VAL A 125 -2.01 15.40 -2.06
C VAL A 125 -0.97 15.68 -1.01
N ASP A 126 0.09 14.86 -1.03
CA ASP A 126 1.30 15.09 -0.25
C ASP A 126 2.01 16.25 -0.96
N SER A 127 1.97 17.44 -0.37
CA SER A 127 2.45 18.63 -1.08
C SER A 127 3.55 19.39 -0.33
N LEU A 128 4.67 19.63 -1.01
CA LEU A 128 5.78 20.37 -0.43
C LEU A 128 6.16 21.50 -1.37
N ALA A 129 6.07 22.73 -0.87
CA ALA A 129 6.48 23.90 -1.65
C ALA A 129 7.96 24.08 -1.46
N LEU A 130 8.74 23.70 -2.47
CA LEU A 130 10.19 23.84 -2.41
C LEU A 130 10.60 25.31 -2.46
N TRP A 131 9.93 26.10 -3.28
CA TRP A 131 10.21 27.53 -3.38
C TRP A 131 8.91 28.25 -3.68
N ASN A 132 8.70 29.40 -3.05
CA ASN A 132 7.48 30.16 -3.24
C ASN A 132 7.89 31.60 -3.46
N GLY A 133 7.83 32.04 -4.72
CA GLY A 133 8.28 33.37 -5.06
C GLY A 133 7.37 34.43 -4.50
N THR A 134 6.13 34.06 -4.18
CA THR A 134 5.11 35.04 -3.84
C THR A 134 4.37 34.58 -2.60
N PRO A 135 5.03 34.66 -1.43
CA PRO A 135 4.41 34.07 -0.23
C PRO A 135 3.08 34.72 0.16
N ALA A 136 2.85 35.96 -0.25
CA ALA A 136 1.61 36.66 0.08
C ALA A 136 0.44 36.25 -0.82
N ILE A 137 0.72 35.50 -1.87
CA ILE A 137 -0.35 35.07 -2.75
C ILE A 137 -0.67 33.59 -2.48
N PRO A 138 -1.95 33.29 -2.23
CA PRO A 138 -2.35 31.92 -1.90
C PRO A 138 -2.02 30.91 -2.99
N LEU A 139 -1.54 29.75 -2.58
CA LEU A 139 -1.34 28.63 -3.47
C LEU A 139 -2.72 28.08 -3.78
N VAL A 140 -3.02 27.87 -5.06
CA VAL A 140 -4.33 27.36 -5.48
C VAL A 140 -4.15 26.13 -6.36
N PRO A 141 -4.19 24.94 -5.75
CA PRO A 141 -4.03 23.72 -6.56
C PRO A 141 -5.33 23.35 -7.28
N GLY A 142 -5.22 22.58 -8.35
CA GLY A 142 -6.39 21.97 -8.99
C GLY A 142 -7.06 22.82 -10.05
N ALA A 143 -6.38 23.85 -10.53
CA ALA A 143 -6.98 24.79 -11.49
C ALA A 143 -6.57 24.46 -12.92
N ILE A 144 -7.54 24.37 -13.83
CA ILE A 144 -7.20 24.09 -15.22
C ILE A 144 -6.42 25.24 -15.87
N ASP A 145 -6.56 26.46 -15.34
CA ASP A 145 -5.91 27.62 -15.98
C ASP A 145 -4.51 27.92 -15.43
N SER A 146 -4.03 27.11 -14.49
CA SER A 146 -2.65 27.26 -14.04
C SER A 146 -1.71 26.81 -15.14
N LEU A 147 -0.56 27.47 -15.23
CA LEU A 147 0.51 27.05 -16.14
C LEU A 147 1.49 26.18 -15.38
N LEU A 148 1.77 24.98 -15.88
CA LEU A 148 2.78 24.13 -15.29
C LEU A 148 3.93 23.94 -16.25
N LEU A 149 5.15 24.09 -15.76
CA LEU A 149 6.32 23.73 -16.54
C LEU A 149 7.00 22.52 -15.91
N ALA A 150 7.26 21.51 -16.73
CA ALA A 150 8.00 20.32 -16.33
C ALA A 150 9.49 20.60 -16.33
N PRO A 151 10.24 19.85 -15.51
CA PRO A 151 11.70 19.99 -15.52
C PRO A 151 12.25 19.79 -16.92
N GLY A 152 13.22 20.59 -17.33
CA GLY A 152 13.78 20.47 -18.67
C GLY A 152 13.13 21.45 -19.66
N SER A 153 12.49 22.48 -19.13
CA SER A 153 11.77 23.47 -19.93
C SER A 153 12.55 24.77 -19.98
N GLU A 154 13.01 25.14 -21.17
CA GLU A 154 13.64 26.43 -21.35
C GLU A 154 12.58 27.51 -21.43
N LEU A 155 12.83 28.66 -20.80
CA LEU A 155 11.96 29.81 -20.95
C LEU A 155 12.58 30.70 -22.04
N VAL A 156 12.10 30.53 -23.26
CA VAL A 156 12.63 31.24 -24.42
C VAL A 156 12.47 32.75 -24.26
N GLN A 157 13.56 33.48 -24.44
CA GLN A 157 13.53 34.92 -24.19
C GLN A 157 12.44 35.62 -25.00
N GLY A 158 11.58 36.37 -24.32
CA GLY A 158 10.57 37.16 -25.00
C GLY A 158 9.24 36.46 -25.14
N VAL A 159 9.23 35.15 -25.00
CA VAL A 159 7.97 34.42 -25.07
C VAL A 159 7.12 34.67 -23.81
N VAL A 160 5.85 34.95 -24.01
CA VAL A 160 4.97 35.20 -22.87
C VAL A 160 4.23 33.92 -22.52
N TYR A 161 4.55 33.34 -21.37
CA TYR A 161 3.84 32.15 -20.88
C TYR A 161 2.66 32.58 -20.00
N GLY A 162 1.45 32.27 -20.44
CA GLY A 162 0.25 32.78 -19.79
C GLY A 162 -0.41 31.80 -18.85
N ALA A 163 -1.08 32.33 -17.83
CA ALA A 163 -1.98 31.54 -16.98
C ALA A 163 -3.13 32.46 -16.67
N GLY A 164 -4.27 32.25 -17.33
CA GLY A 164 -5.31 33.26 -17.33
C GLY A 164 -4.74 34.62 -17.70
N ALA A 165 -4.96 35.62 -16.85
CA ALA A 165 -4.49 36.97 -17.13
C ALA A 165 -3.07 37.20 -16.61
N SER A 166 -2.50 36.21 -15.92
CA SER A 166 -1.14 36.35 -15.40
C SER A 166 -0.13 35.86 -16.43
N LYS A 167 1.14 36.21 -16.25
CA LYS A 167 2.16 35.74 -17.16
C LYS A 167 3.55 35.67 -16.57
N LEU A 168 4.36 34.80 -17.16
CA LEU A 168 5.77 34.65 -16.81
C LEU A 168 6.57 34.92 -18.08
N VAL A 169 7.58 35.78 -17.97
CA VAL A 169 8.32 36.24 -19.14
C VAL A 169 9.79 36.38 -18.81
N PHE A 170 10.64 35.76 -19.63
CA PHE A 170 12.06 36.06 -19.63
C PHE A 170 12.21 37.21 -20.63
N GLN A 171 12.33 38.44 -20.11
CA GLN A 171 12.19 39.65 -20.93
C GLN A 171 13.41 40.01 -21.77
N GLY A 172 13.20 40.91 -22.72
CA GLY A 172 14.29 41.45 -23.51
C GLY A 172 15.37 42.07 -22.64
N ASP A 173 15.00 42.69 -21.52
CA ASP A 173 16.03 43.28 -20.64
C ASP A 173 16.75 42.25 -19.75
N GLY A 174 16.40 40.98 -19.89
CA GLY A 174 17.08 39.91 -19.16
C GLY A 174 16.49 39.61 -17.79
N ASN A 175 15.50 40.38 -17.38
CA ASN A 175 14.80 40.05 -16.14
C ASN A 175 13.83 38.89 -16.36
N LEU A 176 13.65 38.08 -15.32
CA LEU A 176 12.65 37.02 -15.35
C LEU A 176 11.51 37.48 -14.43
N VAL A 177 10.32 37.67 -14.99
CA VAL A 177 9.26 38.36 -14.26
C VAL A 177 7.93 37.64 -14.32
N ALA A 178 7.25 37.52 -13.17
CA ALA A 178 5.87 37.07 -13.16
C ALA A 178 4.97 38.27 -12.96
N TYR A 179 3.92 38.37 -13.77
CA TYR A 179 2.98 39.47 -13.68
C TYR A 179 1.65 38.91 -13.22
N GLY A 180 0.99 39.61 -12.29
CA GLY A 180 -0.33 39.17 -11.82
C GLY A 180 -1.49 39.68 -12.69
N PRO A 181 -2.72 39.36 -12.29
CA PRO A 181 -3.90 39.67 -13.13
C PRO A 181 -4.12 41.16 -13.39
N ASN A 182 -3.60 42.01 -12.50
CA ASN A 182 -3.79 43.44 -12.68
C ASN A 182 -2.66 44.11 -13.48
N GLY A 183 -1.78 43.31 -14.08
CA GLY A 183 -0.68 43.85 -14.85
C GLY A 183 0.57 44.22 -14.07
N ALA A 184 0.51 44.18 -12.74
CA ALA A 184 1.69 44.47 -11.92
C ALA A 184 2.55 43.22 -11.67
N ALA A 185 3.85 43.42 -11.55
CA ALA A 185 4.77 42.32 -11.28
C ALA A 185 4.48 41.77 -9.88
N THR A 186 4.38 40.45 -9.74
CA THR A 186 4.24 39.88 -8.42
C THR A 186 5.59 39.37 -7.91
N TRP A 187 6.51 39.13 -8.85
CA TRP A 187 7.84 38.60 -8.53
C TRP A 187 8.77 38.84 -9.69
N ASN A 188 10.04 39.07 -9.39
CA ASN A 188 11.07 39.08 -10.42
C ASN A 188 12.41 38.59 -9.88
N ALA A 189 13.19 37.95 -10.74
CA ALA A 189 14.52 37.49 -10.35
C ALA A 189 15.51 38.66 -10.13
N GLY A 190 15.20 39.83 -10.66
CA GLY A 190 16.08 40.98 -10.52
C GLY A 190 17.36 40.85 -11.35
N THR A 191 17.23 40.26 -12.52
CA THR A 191 18.42 39.99 -13.34
C THR A 191 18.51 40.90 -14.59
N GLN A 192 17.77 42.00 -14.62
CA GLN A 192 17.89 42.94 -15.73
C GLN A 192 19.24 43.63 -15.69
N GLY A 193 19.82 43.87 -16.87
CA GLY A 193 21.06 44.61 -17.02
C GLY A 193 22.30 43.88 -16.55
N LYS A 194 22.21 42.56 -16.35
CA LYS A 194 23.33 41.77 -15.85
C LYS A 194 23.86 40.82 -16.90
N GLY A 195 23.42 40.99 -18.14
CA GLY A 195 23.84 40.13 -19.23
C GLY A 195 23.22 38.74 -19.24
N ALA A 196 21.99 38.60 -18.76
CA ALA A 196 21.32 37.30 -18.80
C ALA A 196 21.15 36.81 -20.23
N VAL A 197 21.47 35.55 -20.49
CA VAL A 197 21.29 35.00 -21.83
C VAL A 197 20.28 33.86 -21.88
N ARG A 198 19.99 33.26 -20.74
CA ARG A 198 19.18 32.05 -20.71
C ARG A 198 18.47 31.84 -19.39
N ALA A 199 17.21 31.40 -19.45
CA ALA A 199 16.44 31.09 -18.24
C ALA A 199 15.83 29.73 -18.45
N VAL A 200 15.98 28.85 -17.46
CA VAL A 200 15.59 27.47 -17.65
C VAL A 200 15.17 26.82 -16.33
N PHE A 201 14.05 26.10 -16.38
CA PHE A 201 13.67 25.22 -15.28
C PHE A 201 14.31 23.89 -15.61
N GLN A 202 15.45 23.62 -14.97
CA GLN A 202 16.29 22.46 -15.32
C GLN A 202 15.69 21.10 -14.97
N GLY A 203 16.24 20.06 -15.57
CA GLY A 203 15.86 18.69 -15.26
C GLY A 203 15.98 18.33 -13.79
N ASP A 204 16.91 18.98 -13.09
CA ASP A 204 17.11 18.72 -11.67
C ASP A 204 16.14 19.49 -10.78
N GLY A 205 15.21 20.21 -11.39
CA GLY A 205 14.20 20.95 -10.64
C GLY A 205 14.64 22.32 -10.14
N ASN A 206 15.81 22.79 -10.55
CA ASN A 206 16.25 24.14 -10.21
C ASN A 206 15.85 25.15 -11.30
N LEU A 207 15.32 26.30 -10.89
CA LEU A 207 15.06 27.38 -11.83
C LEU A 207 16.28 28.28 -11.83
N VAL A 208 16.90 28.46 -12.99
CA VAL A 208 18.18 29.19 -13.07
C VAL A 208 18.17 30.22 -14.18
N VAL A 209 18.71 31.40 -13.89
CA VAL A 209 19.00 32.37 -14.92
C VAL A 209 20.51 32.43 -15.07
N TYR A 210 21.00 32.20 -16.29
CA TYR A 210 22.43 32.20 -16.59
C TYR A 210 22.81 33.44 -17.37
N GLY A 211 24.05 33.89 -17.18
CA GLY A 211 24.61 35.00 -17.94
C GLY A 211 25.74 34.49 -18.81
N ALA A 212 26.63 35.39 -19.20
CA ALA A 212 27.77 35.05 -20.05
C ALA A 212 28.66 33.98 -19.41
N GLY A 213 29.09 33.02 -20.20
CA GLY A 213 29.97 31.95 -19.74
C GLY A 213 29.31 31.03 -18.75
N ASN A 214 27.99 30.85 -18.88
CA ASN A 214 27.21 30.05 -17.94
C ASN A 214 27.38 30.49 -16.49
N ALA A 215 27.53 31.80 -16.30
CA ALA A 215 27.54 32.38 -14.97
C ALA A 215 26.14 32.35 -14.39
N VAL A 216 26.04 31.96 -13.12
CA VAL A 216 24.75 31.91 -12.45
C VAL A 216 24.35 33.28 -11.90
N LEU A 217 23.28 33.85 -12.42
CA LEU A 217 22.85 35.17 -11.99
C LEU A 217 21.79 35.07 -10.91
N TRP A 218 20.97 34.02 -10.99
CA TRP A 218 19.92 33.81 -10.01
C TRP A 218 19.49 32.34 -10.10
N HIS A 219 19.16 31.75 -8.95
CA HIS A 219 18.48 30.46 -8.95
C HIS A 219 17.63 30.24 -7.72
N SER A 220 16.64 29.36 -7.84
CA SER A 220 15.66 29.12 -6.80
C SER A 220 16.13 28.19 -5.68
N HIS A 221 17.36 27.70 -5.78
CA HIS A 221 17.91 26.73 -4.82
C HIS A 221 17.03 25.49 -4.63
N THR A 222 16.42 25.01 -5.71
CA THR A 222 15.62 23.81 -5.62
C THR A 222 16.19 22.63 -6.40
N GLY A 223 17.51 22.65 -6.60
CA GLY A 223 18.17 21.57 -7.31
C GLY A 223 18.05 20.25 -6.55
N GLY A 224 17.93 19.15 -7.29
CA GLY A 224 17.85 17.83 -6.68
C GLY A 224 16.43 17.34 -6.52
N HIS A 225 15.50 17.93 -7.26
CA HIS A 225 14.11 17.51 -7.20
C HIS A 225 13.53 17.30 -8.60
N ALA A 226 13.85 16.16 -9.19
CA ALA A 226 13.49 15.88 -10.57
C ALA A 226 11.98 15.73 -10.79
N SER A 227 11.23 15.57 -9.71
CA SER A 227 9.78 15.43 -9.84
C SER A 227 9.04 16.70 -9.50
N ALA A 228 9.78 17.78 -9.28
CA ALA A 228 9.16 19.08 -9.02
C ALA A 228 8.50 19.62 -10.29
N VAL A 229 7.48 20.46 -10.13
CA VAL A 229 7.01 21.29 -11.23
C VAL A 229 7.07 22.75 -10.85
N LEU A 230 7.14 23.61 -11.88
CA LEU A 230 7.06 25.05 -11.71
C LEU A 230 5.64 25.46 -12.05
N ARG A 231 4.96 26.13 -11.14
CA ARG A 231 3.58 26.53 -11.40
C ARG A 231 3.35 28.03 -11.34
N LEU A 232 2.75 28.56 -12.40
CA LEU A 232 2.26 29.94 -12.40
C LEU A 232 0.74 29.87 -12.35
N GLN A 233 0.14 30.51 -11.36
CA GLN A 233 -1.31 30.52 -11.22
C GLN A 233 -1.92 31.77 -11.84
N ALA A 234 -3.20 31.70 -12.14
CA ALA A 234 -3.93 32.82 -12.68
C ALA A 234 -3.94 33.99 -11.72
N ASN A 235 -3.73 33.73 -10.44
CA ASN A 235 -3.70 34.84 -9.47
C ASN A 235 -2.31 35.48 -9.32
N GLY A 236 -1.33 35.02 -10.09
CA GLY A 236 -0.02 35.66 -10.09
C GLY A 236 1.00 34.95 -9.22
N SER A 237 0.57 33.90 -8.54
CA SER A 237 1.48 33.11 -7.72
C SER A 237 2.48 32.36 -8.58
N ILE A 238 3.73 32.34 -8.16
CA ILE A 238 4.71 31.47 -8.82
C ILE A 238 5.46 30.66 -7.77
N ALA A 239 5.61 29.36 -8.02
CA ALA A 239 6.20 28.47 -7.02
C ALA A 239 6.67 27.18 -7.64
N ILE A 240 7.56 26.49 -6.93
CA ILE A 240 8.05 25.20 -7.37
C ILE A 240 7.65 24.19 -6.32
N LEU A 241 6.95 23.16 -6.75
CA LEU A 241 6.32 22.23 -5.81
C LEU A 241 6.68 20.79 -6.11
N ASP A 242 6.83 20.01 -5.06
CA ASP A 242 7.09 18.58 -5.18
C ASP A 242 5.82 17.93 -4.61
N GLU A 243 4.98 17.38 -5.47
CA GLU A 243 3.65 16.91 -5.04
C GLU A 243 3.32 15.53 -5.55
N LYS A 244 2.63 14.73 -4.73
CA LYS A 244 2.06 13.46 -5.19
C LYS A 244 0.73 13.15 -4.49
N PRO A 245 -0.23 12.60 -5.25
CA PRO A 245 -1.54 12.27 -4.67
C PRO A 245 -1.48 10.94 -3.94
N VAL A 246 -2.27 10.78 -2.88
CA VAL A 246 -2.29 9.53 -2.13
C VAL A 246 -3.71 8.99 -1.93
N TRP A 247 -4.69 9.64 -2.56
CA TRP A 247 -6.08 9.20 -2.57
C TRP A 247 -6.90 10.11 -3.49
N ALA A 248 -7.95 9.57 -4.09
CA ALA A 248 -8.93 10.38 -4.83
C ALA A 248 -10.25 9.63 -4.84
N ARG A 249 -11.35 10.33 -5.11
CA ARG A 249 -12.66 9.67 -5.09
C ARG A 249 -12.96 8.93 -6.40
N PHE A 250 -12.32 9.33 -7.49
CA PHE A 250 -12.30 8.50 -8.69
C PHE A 250 -10.93 8.49 -9.35
N GLY A 251 -10.74 7.53 -10.26
CA GLY A 251 -9.48 7.39 -10.98
C GLY A 251 -8.41 6.68 -10.15
N PHE A 252 -8.32 7.03 -8.87
CA PHE A 252 -7.27 6.51 -8.01
C PHE A 252 -7.41 5.01 -7.78
N GLN A 253 -6.30 4.29 -7.90
CA GLN A 253 -6.18 2.95 -7.31
C GLN A 253 -4.82 2.86 -6.64
N PRO A 254 -4.75 2.15 -5.50
CA PRO A 254 -3.53 2.14 -4.68
C PRO A 254 -2.29 1.71 -5.46
N THR A 255 -2.44 0.75 -6.37
CA THR A 255 -1.31 0.24 -7.12
C THR A 255 -1.02 0.97 -8.45
N TYR A 256 -1.92 1.87 -8.86
CA TYR A 256 -1.71 2.62 -10.10
C TYR A 256 -0.67 3.71 -9.93
N ARG A 257 -0.01 4.04 -11.03
CA ARG A 257 0.91 5.17 -11.04
C ARG A 257 0.12 6.45 -11.25
N HIS A 258 0.59 7.54 -10.67
CA HIS A 258 -0.11 8.81 -10.77
C HIS A 258 0.57 9.65 -11.83
N ILE A 259 -0.22 10.40 -12.60
CA ILE A 259 0.34 11.34 -13.56
C ILE A 259 -0.60 12.55 -13.68
N ARG A 260 -0.07 13.66 -14.15
CA ARG A 260 -0.89 14.83 -14.42
C ARG A 260 -1.55 14.70 -15.78
N LYS A 261 -2.79 15.18 -15.91
CA LYS A 261 -3.44 15.17 -17.21
C LYS A 261 -2.66 16.08 -18.14
N ILE A 262 -2.80 15.87 -19.45
CA ILE A 262 -2.09 16.70 -20.41
C ILE A 262 -3.04 17.34 -21.39
N ASN A 263 -2.66 18.52 -21.86
CA ASN A 263 -3.32 19.25 -22.93
C ASN A 263 -3.09 18.54 -24.26
N PRO A 264 -3.85 18.93 -25.29
CA PRO A 264 -3.65 18.29 -26.61
C PRO A 264 -2.29 18.65 -27.24
N ASP A 265 -1.62 19.68 -26.74
CA ASP A 265 -0.25 19.98 -27.14
C ASP A 265 0.78 19.44 -26.13
N GLN A 266 0.44 18.37 -25.43
CA GLN A 266 1.37 17.65 -24.56
C GLN A 266 1.83 18.41 -23.32
N LYS A 267 1.23 19.56 -23.04
CA LYS A 267 1.58 20.31 -21.84
C LYS A 267 0.79 19.80 -20.63
N PRO A 268 1.45 19.75 -19.45
CA PRO A 268 0.82 19.20 -18.25
C PRO A 268 -0.12 20.21 -17.61
N ILE A 269 -1.15 19.70 -16.97
CA ILE A 269 -2.22 20.49 -16.36
C ILE A 269 -2.26 20.10 -14.87
N ASP A 270 -2.66 21.03 -14.00
CA ASP A 270 -2.62 20.78 -12.55
C ASP A 270 -3.77 19.88 -12.08
N ILE A 271 -4.00 18.80 -12.80
CA ILE A 271 -5.09 17.88 -12.50
C ILE A 271 -4.54 16.48 -12.45
N TRP A 272 -4.79 15.77 -11.36
CA TRP A 272 -4.24 14.44 -11.19
C TRP A 272 -5.10 13.41 -11.91
N THR A 273 -4.43 12.42 -12.49
CA THR A 273 -5.11 11.21 -12.94
C THR A 273 -4.22 9.99 -12.68
N TRP A 274 -4.73 8.80 -12.99
CA TRP A 274 -4.02 7.55 -12.72
C TRP A 274 -4.09 6.59 -13.91
N HIS A 275 -3.07 5.76 -14.06
CA HIS A 275 -3.17 4.57 -14.91
C HIS A 275 -2.17 3.51 -14.45
N PHE A 276 -2.34 2.29 -14.95
CA PHE A 276 -1.46 1.17 -14.56
C PHE A 276 0.02 1.48 -14.86
N ARG B 4 23.56 -22.87 -5.98
CA ARG B 4 23.13 -23.14 -4.61
C ARG B 4 23.08 -24.65 -4.30
N THR B 5 23.63 -25.04 -3.15
CA THR B 5 23.80 -26.45 -2.79
C THR B 5 22.74 -26.99 -1.83
N ARG B 6 22.59 -28.32 -1.81
CA ARG B 6 21.53 -28.98 -1.03
C ARG B 6 22.00 -29.55 0.32
N ILE B 7 21.17 -29.32 1.35
CA ILE B 7 21.48 -29.72 2.73
C ILE B 7 20.57 -30.85 3.19
N PRO B 8 20.97 -31.59 4.25
CA PRO B 8 20.02 -32.60 4.72
C PRO B 8 18.82 -32.02 5.45
N PHE B 9 17.69 -32.72 5.35
CA PHE B 9 16.47 -32.36 6.07
C PHE B 9 16.61 -32.76 7.53
N ASN B 10 16.14 -31.92 8.43
CA ASN B 10 16.19 -32.22 9.84
C ASN B 10 14.81 -32.30 10.51
N GLY B 11 13.89 -31.46 10.05
CA GLY B 11 12.58 -31.35 10.65
C GLY B 11 11.57 -32.48 10.41
N VAL B 12 11.94 -33.70 10.81
CA VAL B 12 11.03 -34.85 10.73
C VAL B 12 9.78 -34.61 11.58
N GLY B 13 8.61 -34.92 11.02
CA GLY B 13 7.37 -34.80 11.78
C GLY B 13 6.71 -33.43 11.69
N THR B 14 7.37 -32.48 11.04
CA THR B 14 6.76 -31.17 10.80
C THR B 14 5.99 -31.22 9.48
N SER B 15 5.29 -30.15 9.14
CA SER B 15 4.39 -30.17 7.97
C SER B 15 5.05 -29.59 6.74
N VAL B 16 6.31 -29.22 6.85
CA VAL B 16 6.93 -28.47 5.76
C VAL B 16 8.34 -28.94 5.42
N LEU B 17 8.59 -29.14 4.13
CA LEU B 17 9.94 -29.42 3.63
C LEU B 17 10.49 -28.19 2.91
N PRO B 18 11.50 -27.52 3.51
CA PRO B 18 12.10 -26.30 2.96
C PRO B 18 12.91 -26.55 1.68
N ALA B 19 13.06 -25.49 0.88
CA ALA B 19 13.78 -25.54 -0.38
C ALA B 19 15.24 -25.96 -0.20
N TYR B 20 15.78 -26.65 -1.20
CA TYR B 20 17.16 -27.16 -1.17
C TYR B 20 17.51 -27.97 0.07
N GLN B 21 16.55 -28.77 0.53
CA GLN B 21 16.78 -29.67 1.66
C GLN B 21 16.36 -31.09 1.31
N THR B 22 17.29 -32.02 1.50
CA THR B 22 17.12 -33.40 1.04
C THR B 22 16.44 -34.29 2.07
N LEU B 23 15.30 -34.86 1.69
CA LEU B 23 14.61 -35.81 2.55
C LEU B 23 15.09 -37.21 2.21
N SER B 24 15.69 -37.88 3.18
CA SER B 24 16.21 -39.23 3.00
C SER B 24 15.12 -40.26 3.27
N ALA B 25 15.42 -41.52 2.99
CA ALA B 25 14.48 -42.62 3.25
C ALA B 25 14.28 -42.80 4.75
N GLY B 26 13.03 -42.97 5.17
CA GLY B 26 12.73 -43.12 6.59
C GLY B 26 12.14 -41.87 7.22
N GLN B 27 12.62 -40.70 6.82
CA GLN B 27 12.06 -39.46 7.34
C GLN B 27 10.74 -39.15 6.66
N TYR B 28 10.01 -38.19 7.21
CA TYR B 28 8.66 -37.92 6.77
C TYR B 28 8.14 -36.59 7.28
N LEU B 29 7.10 -36.09 6.64
CA LEU B 29 6.34 -34.95 7.12
C LEU B 29 5.06 -35.48 7.78
N LEU B 30 4.49 -34.70 8.69
CA LEU B 30 3.15 -34.96 9.19
C LEU B 30 2.30 -33.70 9.04
N SER B 31 1.04 -33.85 8.68
CA SER B 31 0.14 -32.70 8.65
C SER B 31 0.03 -32.15 10.06
N PRO B 32 -0.32 -30.87 10.19
CA PRO B 32 -0.41 -30.30 11.55
C PRO B 32 -1.36 -31.07 12.46
N ASN B 33 -2.44 -31.62 11.90
CA ASN B 33 -3.39 -32.38 12.71
C ASN B 33 -2.98 -33.82 12.94
N GLN B 34 -1.78 -34.17 12.49
CA GLN B 34 -1.18 -35.50 12.73
C GLN B 34 -1.81 -36.63 11.92
N ARG B 35 -2.89 -36.35 11.19
CA ARG B 35 -3.60 -37.40 10.46
C ARG B 35 -2.84 -37.92 9.24
N PHE B 36 -2.11 -37.05 8.56
CA PHE B 36 -1.42 -37.48 7.34
C PHE B 36 0.09 -37.54 7.48
N LYS B 37 0.70 -38.53 6.83
CA LYS B 37 2.14 -38.69 6.82
C LYS B 37 2.65 -38.75 5.40
N LEU B 38 3.68 -37.98 5.09
CA LEU B 38 4.32 -38.03 3.77
C LEU B 38 5.67 -38.71 3.94
N LEU B 39 5.78 -39.94 3.44
CA LEU B 39 6.90 -40.80 3.79
C LEU B 39 7.71 -41.27 2.57
N LEU B 40 9.03 -41.27 2.71
CA LEU B 40 9.90 -41.82 1.69
C LEU B 40 10.39 -43.19 2.13
N GLN B 41 9.76 -44.24 1.59
CA GLN B 41 10.05 -45.61 2.02
C GLN B 41 11.38 -46.15 1.50
N GLY B 42 11.78 -47.31 2.03
CA GLY B 42 13.03 -47.94 1.66
C GLY B 42 13.05 -48.42 0.20
N ASP B 43 11.90 -48.87 -0.29
CA ASP B 43 11.80 -49.39 -1.65
C ASP B 43 11.87 -48.29 -2.71
N GLY B 44 12.06 -47.04 -2.27
CA GLY B 44 12.10 -45.92 -3.18
C GLY B 44 10.73 -45.35 -3.52
N ASN B 45 9.72 -45.72 -2.74
CA ASN B 45 8.39 -45.15 -2.93
C ASN B 45 8.09 -43.99 -1.98
N LEU B 46 7.63 -42.88 -2.56
CA LEU B 46 7.15 -41.76 -1.77
C LEU B 46 5.64 -41.91 -1.61
N VAL B 47 5.20 -42.13 -0.37
CA VAL B 47 3.78 -42.35 -0.12
C VAL B 47 3.19 -41.38 0.90
N ILE B 48 1.88 -41.17 0.79
CA ILE B 48 1.10 -40.45 1.79
C ILE B 48 0.18 -41.42 2.53
N GLN B 49 0.24 -41.38 3.86
CA GLN B 49 -0.56 -42.29 4.67
C GLN B 49 -1.62 -41.54 5.48
N ASP B 50 -2.86 -41.98 5.30
CA ASP B 50 -4.00 -41.46 6.05
C ASP B 50 -4.20 -42.37 7.24
N ASN B 51 -3.80 -41.90 8.42
CA ASN B 51 -3.87 -42.70 9.65
C ASN B 51 -3.20 -44.06 9.52
N GLY B 52 -2.06 -44.09 8.84
CA GLY B 52 -1.30 -45.32 8.71
C GLY B 52 -1.55 -46.07 7.41
N ALA B 53 -2.65 -45.75 6.74
CA ALA B 53 -3.01 -46.42 5.49
C ALA B 53 -2.56 -45.63 4.28
N THR B 54 -1.77 -46.28 3.41
CA THR B 54 -1.29 -45.64 2.19
C THR B 54 -2.43 -45.28 1.26
N VAL B 55 -2.58 -44.00 0.95
CA VAL B 55 -3.66 -43.54 0.09
C VAL B 55 -3.14 -42.85 -1.16
N TRP B 56 -1.82 -42.77 -1.29
CA TRP B 56 -1.20 -42.12 -2.43
C TRP B 56 0.24 -42.56 -2.62
N VAL B 57 0.64 -42.76 -3.87
CA VAL B 57 2.01 -43.11 -4.20
C VAL B 57 2.53 -42.22 -5.32
N ALA B 58 3.73 -41.68 -5.15
CA ALA B 58 4.36 -40.90 -6.20
C ALA B 58 4.74 -41.81 -7.37
N ASN B 59 4.00 -41.70 -8.46
CA ASN B 59 4.27 -42.49 -9.66
C ASN B 59 3.74 -41.83 -10.94
N GLU B 60 3.72 -42.60 -12.02
CA GLU B 60 3.34 -42.10 -13.34
C GLU B 60 1.85 -41.75 -13.42
N GLN B 61 1.07 -42.24 -12.47
CA GLN B 61 -0.37 -42.01 -12.50
C GLN B 61 -0.75 -40.67 -11.89
N GLN B 62 0.18 -40.05 -11.17
CA GLN B 62 -0.07 -38.70 -10.63
C GLN B 62 -0.05 -37.68 -11.76
N PRO B 63 -1.15 -36.94 -11.93
CA PRO B 63 -1.25 -35.88 -12.95
C PRO B 63 -0.30 -34.74 -12.65
N PHE B 64 0.12 -34.07 -13.72
CA PHE B 64 1.03 -32.93 -13.63
C PHE B 64 2.31 -33.31 -12.90
N SER B 65 2.73 -34.54 -13.14
CA SER B 65 4.05 -34.99 -12.76
C SER B 65 4.76 -35.58 -14.00
N SER B 66 6.06 -35.77 -13.89
CA SER B 66 6.80 -36.37 -14.98
C SER B 66 7.77 -37.38 -14.40
N THR B 67 7.99 -38.45 -15.15
CA THR B 67 9.00 -39.42 -14.78
C THR B 67 10.02 -39.45 -15.92
N ILE B 68 11.26 -39.06 -15.62
CA ILE B 68 12.34 -39.08 -16.59
C ILE B 68 13.41 -40.06 -16.12
N PRO B 69 14.36 -40.44 -17.00
CA PRO B 69 15.45 -41.33 -16.58
C PRO B 69 16.48 -40.62 -15.70
N LYS B 73 23.04 -41.88 -11.92
CA LYS B 73 23.27 -43.31 -11.81
C LYS B 73 23.87 -43.67 -10.45
N LYS B 74 24.61 -42.73 -9.87
CA LYS B 74 25.17 -42.90 -8.53
C LYS B 74 24.36 -42.05 -7.57
N ALA B 75 23.17 -41.64 -8.00
CA ALA B 75 22.32 -40.76 -7.22
C ALA B 75 21.66 -41.49 -6.05
N PRO B 76 21.83 -40.97 -4.83
CA PRO B 76 21.22 -41.58 -3.65
C PRO B 76 19.72 -41.40 -3.67
N LEU B 77 18.98 -42.30 -3.03
CA LEU B 77 17.54 -42.16 -2.90
C LEU B 77 17.23 -40.87 -2.12
N ALA B 78 16.73 -39.86 -2.84
CA ALA B 78 16.52 -38.55 -2.26
C ALA B 78 15.26 -37.88 -2.79
N PHE B 79 14.59 -37.15 -1.92
CA PHE B 79 13.45 -36.32 -2.28
C PHE B 79 13.72 -34.90 -1.79
N TYR B 80 13.56 -33.92 -2.67
CA TYR B 80 13.94 -32.55 -2.35
C TYR B 80 13.22 -31.56 -3.24
N VAL B 81 13.24 -30.30 -2.84
CA VAL B 81 12.56 -29.24 -3.57
C VAL B 81 13.57 -28.22 -4.08
N GLN B 82 13.57 -27.99 -5.39
CA GLN B 82 14.27 -26.87 -5.98
C GLN B 82 13.29 -26.24 -6.93
N TYR B 83 12.39 -25.44 -6.36
CA TYR B 83 11.17 -25.00 -7.02
C TYR B 83 10.24 -26.18 -7.27
N GLY B 84 10.66 -27.09 -8.16
CA GLY B 84 9.93 -28.32 -8.37
C GLY B 84 10.33 -29.30 -7.29
N ALA B 85 9.51 -30.33 -7.11
CA ALA B 85 9.84 -31.40 -6.18
C ALA B 85 10.41 -32.55 -6.99
N PHE B 86 11.47 -33.17 -6.48
CA PHE B 86 12.19 -34.19 -7.23
C PHE B 86 12.38 -35.43 -6.38
N LEU B 87 12.06 -36.58 -6.95
CA LEU B 87 12.36 -37.84 -6.31
C LEU B 87 13.38 -38.57 -7.18
N ASP B 88 14.59 -38.71 -6.67
CA ASP B 88 15.64 -39.44 -7.36
C ASP B 88 15.57 -40.89 -6.93
N ASP B 89 15.15 -41.75 -7.85
CA ASP B 89 14.85 -43.14 -7.53
C ASP B 89 15.73 -44.12 -8.30
N TYR B 90 16.89 -44.46 -7.72
CA TYR B 90 17.84 -45.37 -8.34
C TYR B 90 17.37 -46.82 -8.35
N SER B 91 16.45 -47.15 -7.44
CA SER B 91 15.84 -48.47 -7.37
C SER B 91 15.29 -48.82 -8.74
N ARG B 92 14.59 -47.86 -9.32
CA ARG B 92 14.15 -47.94 -10.70
C ARG B 92 15.02 -46.96 -11.50
N ARG B 93 14.57 -46.53 -12.68
CA ARG B 93 15.44 -45.72 -13.54
C ARG B 93 14.91 -44.31 -13.69
N ARG B 94 14.55 -43.68 -12.58
CA ARG B 94 13.67 -42.52 -12.66
C ARG B 94 13.96 -41.32 -11.74
N VAL B 95 13.79 -40.14 -12.32
CA VAL B 95 13.54 -38.93 -11.56
C VAL B 95 12.03 -38.70 -11.68
N TRP B 96 11.31 -38.80 -10.55
CA TRP B 96 9.91 -38.39 -10.52
C TRP B 96 9.88 -36.94 -10.07
N LEU B 97 9.31 -36.07 -10.90
CA LEU B 97 9.32 -34.65 -10.59
C LEU B 97 7.95 -34.04 -10.83
N THR B 98 7.69 -32.92 -10.16
CA THR B 98 6.42 -32.21 -10.28
C THR B 98 6.48 -31.22 -11.43
N ASP B 99 5.40 -31.13 -12.19
CA ASP B 99 5.31 -30.13 -13.24
C ASP B 99 4.68 -28.86 -12.67
N ASN B 100 5.51 -28.03 -12.05
CA ASN B 100 5.04 -26.81 -11.40
C ASN B 100 4.43 -25.84 -12.40
N SER B 101 3.68 -24.88 -11.88
CA SER B 101 3.25 -23.71 -12.67
C SER B 101 4.52 -23.02 -13.18
N THR B 102 4.42 -22.27 -14.28
CA THR B 102 5.61 -21.59 -14.80
C THR B 102 6.05 -20.47 -13.85
N PHE B 103 7.35 -20.44 -13.56
CA PHE B 103 7.97 -19.43 -12.69
C PHE B 103 7.77 -18.00 -13.16
N THR B 104 7.76 -17.07 -12.21
CA THR B 104 7.71 -15.64 -12.51
C THR B 104 9.08 -14.99 -12.29
N SER B 105 9.90 -15.58 -11.43
CA SER B 105 11.20 -15.00 -11.14
C SER B 105 12.16 -16.03 -10.52
N ASN B 106 13.45 -15.77 -10.67
CA ASN B 106 14.50 -16.62 -10.16
C ASN B 106 14.49 -16.78 -8.63
N ASP B 107 13.93 -15.80 -7.94
CA ASP B 107 13.89 -15.81 -6.48
C ASP B 107 12.93 -16.90 -5.95
N GLN B 108 12.02 -17.38 -6.81
CA GLN B 108 11.06 -18.41 -6.40
C GLN B 108 11.77 -19.71 -6.05
N TRP B 109 13.01 -19.86 -6.51
CA TRP B 109 13.80 -21.05 -6.21
C TRP B 109 14.23 -21.07 -4.74
N ASN B 110 14.26 -19.91 -4.11
CA ASN B 110 14.62 -19.83 -2.70
C ASN B 110 13.43 -19.99 -1.74
N ARG B 111 12.26 -19.53 -2.17
CA ARG B 111 11.13 -19.42 -1.26
C ARG B 111 10.14 -20.57 -1.33
N THR B 112 10.28 -21.44 -2.33
CA THR B 112 9.29 -22.49 -2.52
C THR B 112 9.54 -23.69 -1.63
N HIS B 113 8.56 -24.05 -0.81
CA HIS B 113 8.67 -25.23 0.03
C HIS B 113 7.45 -26.15 -0.12
N LEU B 114 7.54 -27.35 0.45
CA LEU B 114 6.46 -28.33 0.32
C LEU B 114 5.68 -28.40 1.62
N VAL B 115 4.36 -28.30 1.52
CA VAL B 115 3.50 -28.35 2.70
C VAL B 115 2.58 -29.56 2.66
N LEU B 116 2.55 -30.32 3.74
CA LEU B 116 1.56 -31.36 3.93
C LEU B 116 0.40 -30.76 4.74
N GLN B 117 -0.72 -30.53 4.08
CA GLN B 117 -1.86 -29.83 4.69
C GLN B 117 -2.76 -30.75 5.48
N ASP B 118 -3.64 -30.16 6.29
CA ASP B 118 -4.56 -30.94 7.09
C ASP B 118 -5.62 -31.65 6.26
N ASP B 119 -5.71 -31.32 4.98
CA ASP B 119 -6.68 -32.02 4.14
C ASP B 119 -6.01 -33.13 3.35
N GLY B 120 -4.74 -33.40 3.64
CA GLY B 120 -4.04 -34.49 2.99
C GLY B 120 -3.36 -34.10 1.68
N ASN B 121 -3.57 -32.88 1.22
CA ASN B 121 -2.90 -32.41 0.01
C ASN B 121 -1.43 -32.11 0.30
N ILE B 122 -0.57 -32.36 -0.68
CA ILE B 122 0.79 -31.81 -0.61
C ILE B 122 0.90 -30.70 -1.62
N VAL B 123 1.40 -29.56 -1.15
CA VAL B 123 1.37 -28.34 -1.93
C VAL B 123 2.76 -27.69 -1.99
N LEU B 124 3.22 -27.37 -3.19
CA LEU B 124 4.42 -26.55 -3.33
C LEU B 124 4.02 -25.10 -3.23
N VAL B 125 4.59 -24.41 -2.25
CA VAL B 125 4.19 -23.04 -1.95
C VAL B 125 5.36 -22.04 -2.00
N ASP B 126 5.21 -21.04 -2.85
CA ASP B 126 6.12 -19.90 -2.90
C ASP B 126 5.77 -19.02 -1.71
N SER B 127 6.58 -19.10 -0.65
CA SER B 127 6.23 -18.50 0.65
C SER B 127 7.24 -17.45 1.12
N LEU B 128 6.74 -16.25 1.41
CA LEU B 128 7.57 -15.18 1.95
C LEU B 128 6.96 -14.65 3.24
N ALA B 129 7.66 -14.83 4.35
CA ALA B 129 7.24 -14.21 5.60
C ALA B 129 7.68 -12.75 5.58
N LEU B 130 6.75 -11.85 5.30
CA LEU B 130 7.05 -10.42 5.26
C LEU B 130 7.41 -9.89 6.64
N TRP B 131 6.76 -10.43 7.67
CA TRP B 131 7.01 -10.02 9.05
C TRP B 131 6.71 -11.19 9.95
N ASN B 132 7.62 -11.48 10.87
CA ASN B 132 7.45 -12.59 11.81
C ASN B 132 7.59 -12.02 13.20
N GLY B 133 6.47 -11.84 13.90
CA GLY B 133 6.50 -11.24 15.21
C GLY B 133 7.11 -12.14 16.28
N THR B 134 7.11 -13.45 16.01
CA THR B 134 7.55 -14.42 17.01
C THR B 134 8.58 -15.39 16.45
N PRO B 135 9.80 -14.89 16.19
CA PRO B 135 10.81 -15.72 15.51
C PRO B 135 11.19 -17.00 16.27
N ALA B 136 11.02 -17.02 17.60
CA ALA B 136 11.34 -18.22 18.38
C ALA B 136 10.29 -19.34 18.16
N ILE B 137 9.14 -18.99 17.62
CA ILE B 137 8.07 -19.98 17.45
C ILE B 137 7.97 -20.35 15.98
N PRO B 138 8.05 -21.66 15.68
CA PRO B 138 8.06 -22.14 14.29
C PRO B 138 6.79 -21.81 13.52
N LEU B 139 6.97 -21.42 12.27
CA LEU B 139 5.86 -21.27 11.34
C LEU B 139 5.29 -22.66 11.02
N VAL B 140 3.97 -22.79 11.08
CA VAL B 140 3.32 -24.06 10.83
C VAL B 140 2.21 -23.89 9.77
N PRO B 141 2.57 -23.99 8.49
CA PRO B 141 1.55 -23.83 7.45
C PRO B 141 0.66 -25.07 7.30
N GLY B 142 -0.56 -24.89 6.83
CA GLY B 142 -1.44 -26.01 6.49
C GLY B 142 -2.32 -26.51 7.62
N ALA B 143 -2.40 -25.74 8.70
CA ALA B 143 -3.20 -26.15 9.86
C ALA B 143 -4.58 -25.55 9.82
N ILE B 144 -5.59 -26.40 10.01
CA ILE B 144 -6.99 -25.99 10.03
C ILE B 144 -7.30 -25.01 11.16
N ASP B 145 -6.58 -25.12 12.27
CA ASP B 145 -6.93 -24.30 13.43
C ASP B 145 -6.23 -22.93 13.46
N SER B 146 -5.36 -22.65 12.49
CA SER B 146 -4.76 -21.32 12.41
C SER B 146 -5.85 -20.30 12.07
N LEU B 147 -5.74 -19.10 12.63
CA LEU B 147 -6.63 -18.00 12.30
C LEU B 147 -6.00 -17.14 11.21
N LEU B 148 -6.76 -16.83 10.15
CA LEU B 148 -6.26 -15.96 9.08
C LEU B 148 -7.09 -14.68 9.04
N LEU B 149 -6.43 -13.53 9.00
CA LEU B 149 -7.17 -12.29 8.79
C LEU B 149 -6.78 -11.75 7.41
N ALA B 150 -7.78 -11.43 6.59
CA ALA B 150 -7.53 -10.87 5.27
C ALA B 150 -7.23 -9.38 5.37
N PRO B 151 -6.54 -8.83 4.37
CA PRO B 151 -6.27 -7.39 4.37
C PRO B 151 -7.57 -6.61 4.46
N GLY B 152 -7.61 -5.55 5.25
CA GLY B 152 -8.84 -4.80 5.45
C GLY B 152 -9.61 -5.32 6.66
N SER B 153 -8.94 -5.94 7.61
CA SER B 153 -9.61 -6.36 8.85
C SER B 153 -9.32 -5.42 9.98
N GLU B 154 -10.36 -4.79 10.54
CA GLU B 154 -10.22 -4.00 11.76
C GLU B 154 -10.08 -4.96 12.92
N LEU B 155 -9.23 -4.61 13.88
CA LEU B 155 -9.10 -5.42 15.08
C LEU B 155 -9.90 -4.71 16.14
N VAL B 156 -11.12 -5.18 16.38
CA VAL B 156 -12.01 -4.53 17.34
C VAL B 156 -11.45 -4.64 18.76
N GLN B 157 -11.37 -3.50 19.44
CA GLN B 157 -10.81 -3.46 20.79
C GLN B 157 -11.55 -4.38 21.77
N GLY B 158 -10.81 -5.23 22.48
CA GLY B 158 -11.42 -6.13 23.44
C GLY B 158 -11.87 -7.48 22.90
N VAL B 159 -12.00 -7.61 21.58
CA VAL B 159 -12.44 -8.88 21.00
C VAL B 159 -11.29 -9.90 21.00
N VAL B 160 -11.60 -11.12 21.41
CA VAL B 160 -10.60 -12.19 21.44
C VAL B 160 -10.55 -12.89 20.08
N TYR B 161 -9.50 -12.67 19.31
CA TYR B 161 -9.36 -13.35 18.02
C TYR B 161 -8.57 -14.61 18.30
N GLY B 162 -9.23 -15.77 18.20
CA GLY B 162 -8.63 -16.98 18.76
C GLY B 162 -8.09 -17.94 17.72
N ALA B 163 -7.03 -18.66 18.07
CA ALA B 163 -6.59 -19.82 17.28
C ALA B 163 -6.32 -20.89 18.32
N GLY B 164 -7.25 -21.82 18.47
CA GLY B 164 -7.20 -22.74 19.61
C GLY B 164 -7.14 -21.94 20.90
N ALA B 165 -6.19 -22.27 21.76
CA ALA B 165 -6.00 -21.59 23.04
C ALA B 165 -5.28 -20.26 22.88
N SER B 166 -4.64 -20.04 21.73
CA SER B 166 -3.91 -18.80 21.52
C SER B 166 -4.86 -17.67 21.12
N LYS B 167 -4.39 -16.43 21.19
CA LYS B 167 -5.26 -15.29 20.88
C LYS B 167 -4.47 -14.06 20.52
N LEU B 168 -5.10 -13.22 19.73
CA LEU B 168 -4.59 -11.92 19.36
C LEU B 168 -5.62 -10.93 19.88
N VAL B 169 -5.18 -9.94 20.66
CA VAL B 169 -6.12 -8.99 21.24
C VAL B 169 -5.60 -7.56 21.18
N PHE B 170 -6.45 -6.67 20.71
CA PHE B 170 -6.24 -5.24 20.83
C PHE B 170 -6.91 -4.84 22.16
N GLN B 171 -6.07 -4.67 23.19
CA GLN B 171 -6.54 -4.60 24.57
C GLN B 171 -7.04 -3.23 24.97
N GLY B 172 -7.70 -3.17 26.13
CA GLY B 172 -8.15 -1.92 26.69
C GLY B 172 -7.02 -0.93 26.98
N ASP B 173 -5.85 -1.44 27.38
CA ASP B 173 -4.72 -0.56 27.61
C ASP B 173 -4.10 0.01 26.31
N GLY B 174 -4.64 -0.38 25.16
CA GLY B 174 -4.11 0.12 23.91
C GLY B 174 -2.98 -0.69 23.29
N ASN B 175 -2.51 -1.70 24.02
CA ASN B 175 -1.49 -2.61 23.49
C ASN B 175 -2.11 -3.62 22.53
N LEU B 176 -1.37 -4.00 21.50
CA LEU B 176 -1.77 -5.10 20.63
C LEU B 176 -0.89 -6.30 20.96
N VAL B 177 -1.50 -7.41 21.37
CA VAL B 177 -0.75 -8.50 21.98
C VAL B 177 -1.20 -9.86 21.45
N ALA B 178 -0.22 -10.71 21.11
CA ALA B 178 -0.51 -12.10 20.82
C ALA B 178 -0.13 -12.91 22.04
N TYR B 179 -1.00 -13.85 22.40
CA TYR B 179 -0.75 -14.73 23.53
C TYR B 179 -0.72 -16.18 23.05
N GLY B 180 0.16 -16.98 23.64
CA GLY B 180 0.32 -18.35 23.26
C GLY B 180 -0.60 -19.27 24.05
N PRO B 181 -0.45 -20.57 23.82
CA PRO B 181 -1.41 -21.56 24.33
C PRO B 181 -1.35 -21.74 25.86
N ASN B 182 -0.23 -21.37 26.49
CA ASN B 182 -0.16 -21.41 27.96
C ASN B 182 -0.60 -20.11 28.61
N GLY B 183 -0.99 -19.12 27.82
CA GLY B 183 -1.52 -17.88 28.37
C GLY B 183 -0.53 -16.73 28.42
N ALA B 184 0.74 -17.04 28.18
CA ALA B 184 1.80 -16.03 28.20
C ALA B 184 1.87 -15.27 26.87
N ALA B 185 2.14 -13.97 26.94
CA ALA B 185 2.31 -13.18 25.70
C ALA B 185 3.51 -13.69 24.89
N THR B 186 3.34 -13.79 23.57
CA THR B 186 4.44 -14.19 22.70
C THR B 186 5.02 -13.00 21.93
N TRP B 187 4.21 -11.97 21.76
CA TRP B 187 4.60 -10.77 21.01
C TRP B 187 3.66 -9.64 21.42
N ASN B 188 4.18 -8.43 21.49
CA ASN B 188 3.30 -7.27 21.63
C ASN B 188 3.84 -6.09 20.85
N ALA B 189 2.95 -5.17 20.46
CA ALA B 189 3.37 -3.99 19.72
C ALA B 189 3.99 -2.97 20.65
N GLY B 190 3.67 -3.05 21.94
CA GLY B 190 4.24 -2.13 22.91
C GLY B 190 3.58 -0.77 22.88
N THR B 191 2.28 -0.74 22.58
CA THR B 191 1.56 0.52 22.45
C THR B 191 0.68 0.88 23.65
N GLN B 192 0.87 0.22 24.79
CA GLN B 192 0.01 0.48 25.93
C GLN B 192 0.27 1.89 26.45
N GLY B 193 -0.78 2.57 26.91
CA GLY B 193 -0.65 3.86 27.56
C GLY B 193 -0.28 4.99 26.62
N LYS B 194 -0.28 4.71 25.31
CA LYS B 194 0.12 5.71 24.33
C LYS B 194 -1.06 6.35 23.61
N GLY B 195 -2.27 6.04 24.04
CA GLY B 195 -3.47 6.59 23.43
C GLY B 195 -3.87 5.94 22.12
N ALA B 196 -3.66 4.64 22.02
CA ALA B 196 -4.03 3.90 20.81
C ALA B 196 -5.54 3.91 20.64
N VAL B 197 -6.02 4.22 19.43
CA VAL B 197 -7.46 4.21 19.20
C VAL B 197 -7.92 3.17 18.17
N ARG B 198 -6.99 2.65 17.37
CA ARG B 198 -7.37 1.83 16.24
C ARG B 198 -6.24 0.88 15.83
N ALA B 199 -6.61 -0.37 15.61
CA ALA B 199 -5.66 -1.38 15.16
C ALA B 199 -6.26 -2.09 13.96
N VAL B 200 -5.49 -2.16 12.87
CA VAL B 200 -6.07 -2.66 11.64
C VAL B 200 -5.01 -3.35 10.80
N PHE B 201 -5.40 -4.47 10.20
CA PHE B 201 -4.63 -5.09 9.14
C PHE B 201 -5.19 -4.56 7.83
N GLN B 202 -4.50 -3.58 7.27
CA GLN B 202 -5.03 -2.77 6.20
C GLN B 202 -5.07 -3.49 4.86
N GLY B 203 -5.79 -2.89 3.92
CA GLY B 203 -5.91 -3.42 2.59
C GLY B 203 -4.59 -3.44 1.84
N ASP B 204 -3.59 -2.69 2.31
CA ASP B 204 -2.28 -2.69 1.64
C ASP B 204 -1.34 -3.70 2.28
N GLY B 205 -1.85 -4.47 3.25
CA GLY B 205 -1.07 -5.52 3.88
C GLY B 205 -0.24 -5.07 5.07
N ASN B 206 -0.37 -3.80 5.45
CA ASN B 206 0.35 -3.27 6.63
C ASN B 206 -0.48 -3.42 7.91
N LEU B 207 0.13 -3.90 8.98
CA LEU B 207 -0.57 -3.99 10.27
C LEU B 207 -0.20 -2.75 11.06
N VAL B 208 -1.20 -1.96 11.45
CA VAL B 208 -0.92 -0.63 11.99
C VAL B 208 -1.69 -0.39 13.29
N VAL B 209 -1.02 0.23 14.25
CA VAL B 209 -1.74 0.74 15.41
C VAL B 209 -1.70 2.25 15.35
N TYR B 210 -2.89 2.86 15.31
CA TYR B 210 -2.99 4.30 15.22
C TYR B 210 -3.36 4.88 16.59
N GLY B 211 -2.81 6.06 16.87
CA GLY B 211 -3.13 6.80 18.08
C GLY B 211 -3.84 8.12 17.78
N ALA B 212 -3.77 9.04 18.75
CA ALA B 212 -4.32 10.38 18.63
C ALA B 212 -3.85 11.07 17.35
N GLY B 213 -4.74 11.85 16.75
CA GLY B 213 -4.39 12.61 15.54
C GLY B 213 -3.99 11.70 14.40
N ASN B 214 -4.45 10.45 14.48
CA ASN B 214 -4.15 9.41 13.49
C ASN B 214 -2.64 9.13 13.35
N ALA B 215 -1.90 9.36 14.42
CA ALA B 215 -0.46 9.10 14.37
C ALA B 215 -0.20 7.60 14.37
N VAL B 216 0.81 7.18 13.62
CA VAL B 216 1.22 5.79 13.65
C VAL B 216 2.04 5.51 14.92
N LEU B 217 1.52 4.66 15.79
CA LEU B 217 2.24 4.28 17.01
C LEU B 217 3.15 3.07 16.73
N TRP B 218 2.70 2.18 15.87
CA TRP B 218 3.48 1.01 15.52
C TRP B 218 2.96 0.48 14.21
N HIS B 219 3.87 -0.06 13.39
CA HIS B 219 3.40 -0.80 12.22
C HIS B 219 4.39 -1.88 11.81
N SER B 220 3.89 -2.87 11.05
CA SER B 220 4.72 -4.00 10.68
C SER B 220 5.65 -3.70 9.49
N HIS B 221 5.50 -2.51 8.89
CA HIS B 221 6.28 -2.16 7.71
C HIS B 221 6.07 -3.13 6.55
N THR B 222 4.85 -3.59 6.34
CA THR B 222 4.60 -4.53 5.27
C THR B 222 3.59 -3.99 4.24
N GLY B 223 3.40 -2.67 4.22
CA GLY B 223 2.50 -2.05 3.26
C GLY B 223 2.97 -2.30 1.85
N GLY B 224 2.02 -2.38 0.91
CA GLY B 224 2.36 -2.70 -0.47
C GLY B 224 2.21 -4.17 -0.84
N HIS B 225 1.59 -4.96 0.03
CA HIS B 225 1.38 -6.38 -0.25
C HIS B 225 -0.10 -6.72 -0.07
N ALA B 226 -0.89 -6.37 -1.09
CA ALA B 226 -2.34 -6.49 -1.03
C ALA B 226 -2.83 -7.93 -0.93
N SER B 227 -1.95 -8.87 -1.25
CA SER B 227 -2.33 -10.28 -1.17
C SER B 227 -1.73 -10.99 0.04
N ALA B 228 -1.13 -10.24 0.95
CA ALA B 228 -0.63 -10.84 2.21
C ALA B 228 -1.79 -11.32 3.09
N VAL B 229 -1.52 -12.21 4.03
CA VAL B 229 -2.49 -12.50 5.12
C VAL B 229 -1.80 -12.41 6.47
N LEU B 230 -2.58 -12.12 7.50
CA LEU B 230 -2.06 -12.14 8.86
C LEU B 230 -2.47 -13.49 9.47
N ARG B 231 -1.50 -14.27 9.92
CA ARG B 231 -1.83 -15.58 10.48
C ARG B 231 -1.42 -15.69 11.94
N LEU B 232 -2.37 -16.06 12.79
CA LEU B 232 -2.10 -16.41 14.18
C LEU B 232 -2.24 -17.92 14.29
N GLN B 233 -1.19 -18.61 14.70
CA GLN B 233 -1.24 -20.07 14.80
C GLN B 233 -1.65 -20.50 16.20
N ALA B 234 -2.15 -21.73 16.32
CA ALA B 234 -2.55 -22.25 17.60
C ALA B 234 -1.36 -22.31 18.58
N ASN B 235 -0.14 -22.39 18.08
CA ASN B 235 1.03 -22.42 18.96
C ASN B 235 1.53 -21.02 19.35
N GLY B 236 0.79 -19.97 18.99
CA GLY B 236 1.11 -18.62 19.43
C GLY B 236 1.93 -17.79 18.43
N SER B 237 2.30 -18.39 17.30
CA SER B 237 3.04 -17.66 16.27
C SER B 237 2.16 -16.58 15.66
N ILE B 238 2.72 -15.38 15.46
CA ILE B 238 2.00 -14.38 14.68
C ILE B 238 2.89 -13.86 13.56
N ALA B 239 2.35 -13.84 12.34
CA ALA B 239 3.15 -13.43 11.18
C ALA B 239 2.28 -12.93 10.03
N ILE B 240 2.92 -12.18 9.14
CA ILE B 240 2.30 -11.74 7.92
C ILE B 240 3.01 -12.38 6.72
N LEU B 241 2.26 -13.08 5.88
CA LEU B 241 2.84 -13.94 4.85
C LEU B 241 2.27 -13.61 3.49
N ASP B 242 3.14 -13.68 2.49
CA ASP B 242 2.76 -13.48 1.11
C ASP B 242 3.08 -14.79 0.42
N GLU B 243 2.05 -15.52 0.03
CA GLU B 243 2.21 -16.92 -0.39
C GLU B 243 1.38 -17.21 -1.62
N LYS B 244 1.90 -18.10 -2.48
CA LYS B 244 1.19 -18.60 -3.64
C LYS B 244 1.62 -20.06 -3.89
N PRO B 245 0.64 -20.94 -4.11
CA PRO B 245 1.03 -22.33 -4.40
C PRO B 245 1.41 -22.45 -5.86
N VAL B 246 2.32 -23.36 -6.19
CA VAL B 246 2.70 -23.55 -7.57
C VAL B 246 2.53 -25.01 -8.00
N TRP B 247 2.10 -25.87 -7.07
CA TRP B 247 1.77 -27.27 -7.39
C TRP B 247 1.03 -27.92 -6.23
N ALA B 248 0.23 -28.94 -6.54
CA ALA B 248 -0.39 -29.80 -5.53
C ALA B 248 -0.81 -31.14 -6.14
N ARG B 249 -0.90 -32.19 -5.32
CA ARG B 249 -1.23 -33.52 -5.84
C ARG B 249 -2.70 -33.69 -6.26
N PHE B 250 -3.60 -32.93 -5.64
CA PHE B 250 -4.97 -32.83 -6.14
C PHE B 250 -5.45 -31.38 -6.08
N GLY B 251 -6.52 -31.10 -6.80
CA GLY B 251 -7.08 -29.75 -6.83
C GLY B 251 -6.33 -28.87 -7.84
N PHE B 252 -5.02 -28.77 -7.66
CA PHE B 252 -4.19 -27.99 -8.56
C PHE B 252 -4.35 -28.37 -10.02
N GLN B 253 -4.57 -27.35 -10.87
CA GLN B 253 -4.37 -27.46 -12.31
C GLN B 253 -3.67 -26.18 -12.80
N PRO B 254 -2.72 -26.34 -13.74
CA PRO B 254 -1.88 -25.29 -14.33
C PRO B 254 -2.61 -23.97 -14.56
N THR B 255 -3.77 -24.04 -15.21
CA THR B 255 -4.53 -22.86 -15.60
C THR B 255 -5.36 -22.26 -14.47
N TYR B 256 -5.66 -23.06 -13.45
CA TYR B 256 -6.62 -22.66 -12.42
C TYR B 256 -6.11 -21.58 -11.47
N ARG B 257 -7.04 -20.75 -10.99
CA ARG B 257 -6.73 -19.75 -9.97
C ARG B 257 -6.72 -20.42 -8.60
N HIS B 258 -5.76 -20.05 -7.77
CA HIS B 258 -5.67 -20.57 -6.43
C HIS B 258 -6.38 -19.62 -5.46
N ILE B 259 -7.01 -20.18 -4.43
CA ILE B 259 -7.59 -19.37 -3.35
C ILE B 259 -7.54 -20.22 -2.11
N ARG B 260 -7.59 -19.55 -0.96
CA ARG B 260 -7.69 -20.27 0.29
C ARG B 260 -9.11 -20.75 0.51
N LYS B 261 -9.27 -21.94 1.08
CA LYS B 261 -10.58 -22.45 1.43
C LYS B 261 -11.27 -21.52 2.42
N ILE B 262 -12.59 -21.51 2.34
CA ILE B 262 -13.44 -20.86 3.32
C ILE B 262 -14.13 -21.98 4.11
N ASN B 263 -14.02 -21.95 5.43
CA ASN B 263 -14.63 -22.99 6.28
C ASN B 263 -16.15 -22.81 6.40
N PRO B 264 -16.86 -23.85 6.91
CA PRO B 264 -18.32 -23.73 7.10
C PRO B 264 -18.77 -22.46 7.84
N ASP B 265 -17.87 -21.87 8.62
CA ASP B 265 -18.20 -20.64 9.34
C ASP B 265 -17.81 -19.39 8.56
N GLN B 266 -17.53 -19.58 7.27
CA GLN B 266 -17.29 -18.46 6.36
C GLN B 266 -16.01 -17.67 6.64
N LYS B 267 -15.02 -18.34 7.24
CA LYS B 267 -13.68 -17.76 7.40
C LYS B 267 -12.64 -18.48 6.54
N PRO B 268 -11.69 -17.70 5.97
CA PRO B 268 -10.55 -18.28 5.23
C PRO B 268 -9.68 -19.10 6.17
N ILE B 269 -9.28 -20.30 5.76
CA ILE B 269 -8.35 -21.10 6.53
C ILE B 269 -7.11 -21.38 5.69
N ASP B 270 -6.05 -21.83 6.35
CA ASP B 270 -4.72 -21.94 5.77
C ASP B 270 -4.58 -23.21 4.91
N ILE B 271 -5.58 -23.45 4.07
CA ILE B 271 -5.64 -24.61 3.20
C ILE B 271 -5.87 -24.11 1.78
N TRP B 272 -4.96 -24.44 0.85
CA TRP B 272 -5.14 -24.07 -0.55
C TRP B 272 -6.16 -24.92 -1.31
N THR B 273 -6.89 -24.26 -2.19
CA THR B 273 -7.70 -24.95 -3.17
C THR B 273 -7.65 -24.17 -4.49
N TRP B 274 -8.28 -24.72 -5.53
CA TRP B 274 -8.15 -24.16 -6.89
C TRP B 274 -9.46 -23.81 -7.62
N HIS B 275 -9.39 -22.72 -8.40
CA HIS B 275 -10.51 -22.16 -9.16
C HIS B 275 -11.86 -22.18 -8.45
C1 MAN C . 2.08 -4.75 28.97
C2 MAN C . 0.57 -4.89 29.10
C3 MAN C . 0.16 -6.35 29.29
C4 MAN C . 0.84 -7.23 28.24
C5 MAN C . 2.33 -6.95 28.16
C6 MAN C . 2.99 -7.78 27.06
O1 MAN C . 2.70 -5.17 30.19
O2 MAN C . -0.06 -4.37 27.92
O3 MAN C . -1.25 -6.48 29.17
O4 MAN C . 0.62 -8.61 28.57
O5 MAN C . 2.55 -5.57 27.90
O6 MAN C . 4.37 -7.43 26.96
C1 MAN C . -1.75 -7.19 30.32
C2 MAN C . -3.19 -7.63 30.06
C3 MAN C . -4.12 -6.44 30.00
C4 MAN C . -3.91 -5.51 31.19
C5 MAN C . -2.43 -5.19 31.37
C6 MAN C . -2.21 -4.33 32.62
O2 MAN C . -3.61 -8.51 31.11
O3 MAN C . -5.48 -6.90 29.98
O4 MAN C . -4.63 -4.29 30.99
O5 MAN C . -1.70 -6.41 31.51
C1 NAG C . -4.11 -9.72 30.51
C2 NAG C . -4.49 -10.71 31.62
C3 NAG C . -5.05 -12.00 31.02
C4 NAG C . -6.13 -11.70 29.98
C5 NAG C . -5.64 -10.67 28.98
C6 NAG C . -6.75 -10.31 27.98
C7 NAG C . -2.96 -10.17 33.41
C8 NAG C . -4.06 -9.48 34.15
N2 NAG C . -3.34 -11.00 32.45
O3 NAG C . -5.61 -12.80 32.07
O4 NAG C . -6.46 -12.91 29.29
O5 NAG C . -5.25 -9.48 29.67
O6 NAG C . -6.38 -9.12 27.27
O7 NAG C . -1.78 -9.98 33.66
C1 MAN C . 5.12 -8.21 27.91
C2 MAN C . 6.45 -7.54 28.18
C3 MAN C . 7.35 -7.58 26.95
C4 MAN C . 7.41 -8.99 26.37
C5 MAN C . 6.01 -9.57 26.20
C6 MAN C . 6.08 -11.01 25.69
O2 MAN C . 7.33 -8.51 29.07
O3 MAN C . 8.66 -7.15 27.30
O4 MAN C . 8.06 -8.95 25.09
O5 MAN C . 5.34 -9.55 27.46
O6 MAN C . 6.48 -11.01 24.31
C1 NAG C . 7.85 -8.28 30.51
C2 NAG C . 7.64 -9.61 31.23
C3 NAG C . 8.60 -9.75 32.40
C4 NAG C . 10.03 -9.43 31.98
C5 NAG C . 10.10 -8.11 31.21
C6 NAG C . 11.52 -7.84 30.74
C7 NAG C . 5.43 -10.61 31.17
C8 NAG C . 4.04 -10.59 31.73
N2 NAG C . 6.27 -9.71 31.68
O3 NAG C . 8.53 -11.08 32.91
O4 NAG C . 10.86 -9.35 33.15
O5 NAG C . 9.22 -8.17 30.10
O6 NAG C . 11.54 -6.62 29.98
O7 NAG C . 5.78 -11.40 30.30
#